data_6SIE
#
_entry.id   6SIE
#
_cell.length_a   189.950
_cell.length_b   189.950
_cell.length_c   40.420
_cell.angle_alpha   90.000
_cell.angle_beta   90.000
_cell.angle_gamma   90.000
#
_symmetry.space_group_name_H-M   'P 42 21 2'
#
loop_
_entity.id
_entity.type
_entity.pdbx_description
1 polymer 'Activity-regulated cytoskeleton associated protein 2'
2 non-polymer 'SULFATE ION'
3 water water
#
_entity_poly.entity_id   1
_entity_poly.type   'polypeptide(L)'
_entity_poly.pdbx_seq_one_letter_code
;SGSGKPSYQIYMEIFETKQSYDEVIDSFICKQRALLAKLPEGRHDEETELDFIYGLMQPKYRESIPRHEVKTFRELLDRG
RTVERTRH
;
_entity_poly.pdbx_strand_id   A,B,C,D
#
# COMPACT_ATOMS: atom_id res chain seq x y z
N LYS A 5 10.40 -1.11 -27.21
CA LYS A 5 9.71 -1.45 -25.95
C LYS A 5 8.18 -1.68 -26.10
N PRO A 6 7.66 -2.88 -25.77
CA PRO A 6 6.25 -3.21 -26.10
C PRO A 6 5.26 -2.49 -25.22
N SER A 7 4.40 -1.67 -25.85
CA SER A 7 3.49 -0.80 -25.11
C SER A 7 2.75 -1.48 -23.96
N TYR A 8 2.34 -2.73 -24.13
CA TYR A 8 1.55 -3.38 -23.09
C TYR A 8 2.33 -3.62 -21.81
N GLN A 9 3.64 -3.87 -21.91
CA GLN A 9 4.44 -4.02 -20.69
C GLN A 9 4.62 -2.69 -19.99
N ILE A 10 4.68 -1.61 -20.76
CA ILE A 10 4.80 -0.30 -20.14
C ILE A 10 3.56 -0.02 -19.32
N TYR A 11 2.38 -0.26 -19.91
CA TYR A 11 1.14 -0.06 -19.20
C TYR A 11 1.05 -0.95 -17.97
N MET A 12 1.49 -2.20 -18.09
CA MET A 12 1.51 -3.04 -16.91
C MET A 12 2.42 -2.44 -15.85
N GLU A 13 3.53 -1.81 -16.26
CA GLU A 13 4.43 -1.19 -15.27
C GLU A 13 3.81 0.04 -14.65
N ILE A 14 3.27 0.92 -15.49
CA ILE A 14 2.61 2.12 -14.99
C ILE A 14 1.66 1.79 -13.85
N PHE A 15 0.80 0.82 -14.04
CA PHE A 15 -0.21 0.57 -13.02
C PHE A 15 0.30 -0.38 -11.95
N GLU A 16 1.41 -1.07 -12.19
CA GLU A 16 2.02 -1.81 -11.09
C GLU A 16 2.84 -0.90 -10.18
N THR A 17 3.14 0.32 -10.62
CA THR A 17 4.01 1.25 -9.89
C THR A 17 3.17 2.34 -9.23
N LYS A 18 2.63 1.98 -8.07
CA LYS A 18 1.86 2.89 -7.26
C LYS A 18 2.83 3.67 -6.37
N GLN A 19 2.39 4.86 -5.94
CA GLN A 19 3.17 5.67 -5.02
C GLN A 19 3.21 5.02 -3.64
N SER A 20 4.42 4.88 -3.10
CA SER A 20 4.66 4.20 -1.83
C SER A 20 4.42 5.12 -0.66
N TYR A 21 4.35 4.54 0.54
CA TYR A 21 4.14 5.33 1.74
C TYR A 21 5.36 6.23 1.93
N ASP A 22 5.10 7.52 2.02
CA ASP A 22 6.10 8.56 2.29
C ASP A 22 6.96 8.89 1.08
N GLU A 23 6.62 8.36 -0.10
CA GLU A 23 7.32 8.77 -1.32
C GLU A 23 6.77 10.11 -1.76
N VAL A 24 7.64 11.06 -1.99
CA VAL A 24 7.17 12.39 -2.35
C VAL A 24 6.69 12.40 -3.81
N ILE A 25 5.86 13.40 -4.12
CA ILE A 25 5.27 13.49 -5.44
C ILE A 25 6.33 13.58 -6.53
N ASP A 26 7.43 14.33 -6.31
CA ASP A 26 8.43 14.41 -7.37
C ASP A 26 9.00 13.04 -7.69
N SER A 27 9.22 12.22 -6.67
CA SER A 27 9.78 10.89 -6.89
C SER A 27 8.86 10.06 -7.75
N PHE A 28 7.56 10.05 -7.43
CA PHE A 28 6.56 9.25 -8.14
C PHE A 28 6.36 9.73 -9.57
N ILE A 29 6.11 11.02 -9.77
CA ILE A 29 5.89 11.57 -11.11
C ILE A 29 7.13 11.42 -11.99
N CYS A 30 8.32 11.54 -11.41
CA CYS A 30 9.52 11.25 -12.18
C CYS A 30 9.39 9.87 -12.78
N LYS A 31 9.16 8.89 -11.90
CA LYS A 31 9.08 7.49 -12.27
C LYS A 31 8.08 7.27 -13.39
N GLN A 32 6.87 7.82 -13.26
CA GLN A 32 5.80 7.57 -14.23
C GLN A 32 6.05 8.30 -15.55
N ARG A 33 6.57 9.53 -15.50
CA ARG A 33 6.81 10.30 -16.73
C ARG A 33 7.86 9.59 -17.56
N ALA A 34 8.75 8.85 -16.89
CA ALA A 34 9.75 8.05 -17.56
C ALA A 34 9.10 6.90 -18.33
N LEU A 35 8.16 6.22 -17.68
CA LEU A 35 7.33 5.21 -18.35
C LEU A 35 6.39 5.85 -19.36
N LEU A 36 5.67 6.90 -18.98
CA LEU A 36 4.74 7.52 -19.92
C LEU A 36 5.42 7.93 -21.21
N ALA A 37 6.72 8.20 -21.17
CA ALA A 37 7.39 8.68 -22.36
C ALA A 37 7.90 7.58 -23.26
N LYS A 38 8.05 6.36 -22.73
CA LYS A 38 8.40 5.18 -23.52
C LYS A 38 7.29 4.76 -24.48
N LEU A 39 6.08 5.30 -24.30
CA LEU A 39 4.96 5.03 -25.20
C LEU A 39 5.10 5.82 -26.49
N PRO A 40 4.32 5.46 -27.52
CA PRO A 40 4.45 6.13 -28.82
C PRO A 40 4.11 7.61 -28.71
N GLU A 41 4.99 8.45 -29.23
CA GLU A 41 4.78 9.90 -29.15
C GLU A 41 3.51 10.31 -29.87
N GLY A 42 2.61 10.95 -29.13
CA GLY A 42 1.37 11.48 -29.63
C GLY A 42 0.15 10.65 -29.31
N ARG A 43 0.34 9.44 -28.76
CA ARG A 43 -0.81 8.60 -28.45
C ARG A 43 -1.71 9.26 -27.42
N HIS A 44 -1.13 9.70 -26.29
CA HIS A 44 -1.87 10.24 -25.17
C HIS A 44 -1.61 11.72 -24.96
N ASP A 45 -2.67 12.47 -24.71
CA ASP A 45 -2.56 13.85 -24.24
C ASP A 45 -2.27 13.90 -22.73
N GLU A 46 -1.96 15.11 -22.23
CA GLU A 46 -1.61 15.23 -20.81
C GLU A 46 -2.81 14.93 -19.93
N GLU A 47 -4.02 15.27 -20.41
CA GLU A 47 -5.21 14.93 -19.66
C GLU A 47 -5.31 13.43 -19.41
N THR A 48 -4.94 12.62 -20.41
CA THR A 48 -4.99 11.17 -20.28
C THR A 48 -3.88 10.66 -19.36
N GLU A 49 -2.64 11.11 -19.56
CA GLU A 49 -1.54 10.72 -18.67
C GLU A 49 -1.85 11.01 -17.20
N LEU A 50 -2.59 12.09 -16.91
CA LEU A 50 -2.98 12.36 -15.53
C LEU A 50 -3.98 11.33 -15.04
N ASP A 51 -4.96 11.00 -15.88
CA ASP A 51 -5.95 9.97 -15.54
C ASP A 51 -5.28 8.63 -15.25
N PHE A 52 -4.26 8.26 -16.03
CA PHE A 52 -3.58 7.00 -15.79
C PHE A 52 -3.12 6.94 -14.34
N ILE A 53 -2.35 7.94 -13.93
CA ILE A 53 -1.58 7.84 -12.71
C ILE A 53 -2.31 8.44 -11.51
N TYR A 54 -3.31 9.29 -11.72
CA TYR A 54 -3.96 9.94 -10.59
C TYR A 54 -4.41 8.97 -9.49
N GLY A 55 -5.00 7.85 -9.86
CA GLY A 55 -5.43 6.91 -8.83
C GLY A 55 -4.30 6.15 -8.17
N LEU A 56 -3.11 6.22 -8.74
CA LEU A 56 -1.96 5.54 -8.18
C LEU A 56 -1.33 6.32 -7.03
N MET A 57 -1.63 7.61 -6.90
CA MET A 57 -1.11 8.38 -5.78
C MET A 57 -1.64 7.86 -4.45
N GLN A 58 -0.97 8.26 -3.39
CA GLN A 58 -1.34 7.91 -2.03
C GLN A 58 -2.55 8.72 -1.62
N PRO A 59 -3.28 8.25 -0.61
CA PRO A 59 -4.50 8.96 -0.17
C PRO A 59 -4.36 10.44 0.13
N LYS A 60 -3.26 10.88 0.77
CA LYS A 60 -3.17 12.30 1.15
C LYS A 60 -3.15 13.19 -0.08
N TYR A 61 -2.55 12.74 -1.16
CA TYR A 61 -2.58 13.61 -2.33
C TYR A 61 -3.98 13.64 -2.94
N ARG A 62 -4.66 12.48 -2.99
CA ARG A 62 -6.01 12.42 -3.58
C ARG A 62 -7.04 13.05 -2.67
N GLU A 63 -6.89 12.85 -1.35
CA GLU A 63 -7.78 13.52 -0.40
C GLU A 63 -7.70 15.03 -0.48
N SER A 64 -6.52 15.59 -0.83
CA SER A 64 -6.30 17.03 -0.81
C SER A 64 -6.27 17.69 -2.18
N ILE A 65 -6.11 16.92 -3.26
CA ILE A 65 -5.99 17.43 -4.62
C ILE A 65 -7.01 16.77 -5.53
N PRO A 66 -8.20 17.32 -5.69
CA PRO A 66 -9.16 16.74 -6.63
C PRO A 66 -8.59 16.64 -8.04
N ARG A 67 -8.76 15.46 -8.66
CA ARG A 67 -8.38 15.30 -10.07
C ARG A 67 -8.95 16.41 -10.93
N HIS A 68 -10.20 16.81 -10.67
CA HIS A 68 -10.80 17.81 -11.54
C HIS A 68 -10.18 19.20 -11.39
N GLU A 69 -9.30 19.42 -10.40
CA GLU A 69 -8.69 20.73 -10.22
C GLU A 69 -7.33 20.89 -10.89
N VAL A 70 -6.75 19.84 -11.45
CA VAL A 70 -5.45 19.93 -12.10
C VAL A 70 -5.63 19.63 -13.58
N LYS A 71 -4.92 20.39 -14.44
CA LYS A 71 -4.88 20.17 -15.87
C LYS A 71 -3.51 19.75 -16.38
N THR A 72 -2.47 19.83 -15.55
CA THR A 72 -1.10 19.52 -15.94
C THR A 72 -0.39 18.83 -14.80
N PHE A 73 0.73 18.21 -15.15
CA PHE A 73 1.60 17.67 -14.12
C PHE A 73 2.17 18.78 -13.25
N ARG A 74 2.49 19.93 -13.86
CA ARG A 74 3.07 21.04 -13.11
C ARG A 74 2.12 21.48 -12.02
N GLU A 75 0.83 21.66 -12.37
CA GLU A 75 -0.16 21.95 -11.34
C GLU A 75 -0.21 20.82 -10.31
N LEU A 76 -0.01 19.58 -10.73
CA LEU A 76 -0.08 18.49 -9.76
C LEU A 76 1.14 18.53 -8.84
N LEU A 77 2.33 18.74 -9.41
CA LEU A 77 3.51 18.84 -8.59
C LEU A 77 3.37 19.97 -7.59
N ASP A 78 2.86 21.11 -8.03
CA ASP A 78 2.84 22.27 -7.15
C ASP A 78 1.95 22.01 -5.95
N ARG A 79 0.76 21.45 -6.17
CA ARG A 79 -0.11 21.12 -5.03
C ARG A 79 0.46 19.96 -4.21
N GLY A 80 1.15 19.02 -4.86
CA GLY A 80 1.69 17.92 -4.12
C GLY A 80 2.84 18.36 -3.25
N ARG A 81 3.66 19.29 -3.73
CA ARG A 81 4.68 19.92 -2.88
C ARG A 81 4.03 20.65 -1.69
N THR A 82 3.00 21.45 -1.96
CA THR A 82 2.23 22.07 -0.88
C THR A 82 1.76 21.05 0.16
N VAL A 83 1.25 19.91 -0.27
CA VAL A 83 0.82 18.89 0.69
C VAL A 83 1.99 18.48 1.57
N GLU A 84 3.15 18.28 0.96
CA GLU A 84 4.31 17.85 1.73
C GLU A 84 4.84 18.98 2.63
N ARG A 85 4.75 20.23 2.15
CA ARG A 85 5.22 21.35 2.93
C ARG A 85 4.34 21.66 4.13
N THR A 86 3.12 21.16 4.13
CA THR A 86 2.22 21.35 5.24
C THR A 86 2.67 20.56 6.46
N ARG A 87 3.49 19.53 6.25
CA ARG A 87 3.94 18.64 7.31
C ARG A 87 5.43 18.81 7.59
N HIS A 88 6.11 19.68 6.83
CA HIS A 88 7.49 20.07 7.12
C HIS A 88 7.55 21.27 8.09
N GLY B 4 -21.52 9.92 -11.01
CA GLY B 4 -21.00 8.73 -11.70
C GLY B 4 -19.66 8.10 -11.24
N LYS B 5 -18.67 7.99 -12.18
CA LYS B 5 -17.37 7.35 -11.94
C LYS B 5 -16.32 7.90 -12.92
N PRO B 6 -15.24 8.53 -12.46
CA PRO B 6 -14.39 9.32 -13.37
C PRO B 6 -13.32 8.52 -14.09
N SER B 7 -12.89 9.05 -15.23
CA SER B 7 -11.96 8.29 -16.07
C SER B 7 -10.87 7.61 -15.26
N TYR B 8 -10.28 8.32 -14.30
CA TYR B 8 -9.15 7.76 -13.56
C TYR B 8 -9.55 6.53 -12.77
N GLN B 9 -10.77 6.49 -12.27
CA GLN B 9 -11.19 5.29 -11.55
C GLN B 9 -11.44 4.15 -12.54
N ILE B 10 -11.80 4.46 -13.78
CA ILE B 10 -11.99 3.39 -14.72
C ILE B 10 -10.66 2.70 -15.01
N TYR B 11 -9.60 3.49 -15.25
CA TYR B 11 -8.28 2.94 -15.50
C TYR B 11 -7.83 2.06 -14.37
N MET B 12 -8.11 2.49 -13.14
CA MET B 12 -7.84 1.67 -11.96
C MET B 12 -8.62 0.35 -12.03
N GLU B 13 -9.85 0.39 -12.54
CA GLU B 13 -10.63 -0.84 -12.62
C GLU B 13 -10.13 -1.75 -13.75
N ILE B 14 -9.95 -1.19 -14.94
CA ILE B 14 -9.35 -1.91 -16.05
C ILE B 14 -8.12 -2.69 -15.59
N PHE B 15 -7.16 -2.00 -14.95
CA PHE B 15 -5.87 -2.63 -14.62
C PHE B 15 -5.88 -3.41 -13.32
N GLU B 16 -6.94 -3.30 -12.51
CA GLU B 16 -7.19 -4.26 -11.45
C GLU B 16 -8.01 -5.47 -11.94
N THR B 17 -8.56 -5.43 -13.16
CA THR B 17 -9.43 -6.53 -13.61
C THR B 17 -8.58 -7.46 -14.48
N LYS B 18 -7.88 -8.38 -13.82
CA LYS B 18 -7.14 -9.42 -14.51
C LYS B 18 -8.00 -10.64 -14.80
N GLN B 19 -7.63 -11.37 -15.85
CA GLN B 19 -8.31 -12.61 -16.19
C GLN B 19 -8.09 -13.65 -15.10
N SER B 20 -9.18 -14.31 -14.72
CA SER B 20 -9.09 -15.28 -13.66
C SER B 20 -8.57 -16.62 -14.19
N TYR B 21 -8.18 -17.48 -13.25
CA TYR B 21 -7.55 -18.76 -13.56
C TYR B 21 -8.49 -19.71 -14.32
N ASP B 22 -9.81 -19.56 -14.11
CA ASP B 22 -10.81 -20.33 -14.83
C ASP B 22 -11.71 -19.47 -15.70
N GLU B 23 -11.42 -18.18 -15.83
CA GLU B 23 -12.21 -17.32 -16.68
C GLU B 23 -11.78 -17.43 -18.14
N VAL B 24 -12.77 -17.65 -18.98
CA VAL B 24 -12.61 -17.80 -20.43
C VAL B 24 -12.33 -16.45 -21.05
N ILE B 25 -11.64 -16.47 -22.21
CA ILE B 25 -11.29 -15.23 -22.91
C ILE B 25 -12.52 -14.44 -23.31
N ASP B 26 -13.59 -15.13 -23.71
CA ASP B 26 -14.81 -14.41 -24.12
C ASP B 26 -15.35 -13.60 -22.96
N SER B 27 -15.27 -14.17 -21.76
CA SER B 27 -15.71 -13.47 -20.57
C SER B 27 -14.82 -12.25 -20.30
N PHE B 28 -13.49 -12.47 -20.30
CA PHE B 28 -12.55 -11.43 -19.94
C PHE B 28 -12.67 -10.22 -20.87
N ILE B 29 -12.66 -10.45 -22.18
CA ILE B 29 -12.75 -9.34 -23.13
C ILE B 29 -14.10 -8.63 -23.03
N CYS B 30 -15.18 -9.36 -22.77
CA CYS B 30 -16.45 -8.71 -22.53
C CYS B 30 -16.29 -7.72 -21.37
N LYS B 31 -15.79 -8.21 -20.24
CA LYS B 31 -15.61 -7.41 -19.04
C LYS B 31 -14.78 -6.17 -19.35
N GLN B 32 -13.63 -6.37 -20.01
CA GLN B 32 -12.72 -5.26 -20.28
C GLN B 32 -13.30 -4.30 -21.30
N ARG B 33 -13.99 -4.82 -22.32
CA ARG B 33 -14.52 -3.92 -23.31
C ARG B 33 -15.64 -3.08 -22.73
N ALA B 34 -16.33 -3.61 -21.73
CA ALA B 34 -17.37 -2.80 -21.12
C ALA B 34 -16.78 -1.63 -20.35
N LEU B 35 -15.70 -1.88 -19.59
CA LEU B 35 -15.00 -0.80 -18.93
C LEU B 35 -14.41 0.16 -19.95
N LEU B 36 -13.75 -0.37 -20.96
CA LEU B 36 -13.19 0.50 -21.97
C LEU B 36 -14.24 1.41 -22.58
N ALA B 37 -15.51 1.04 -22.53
CA ALA B 37 -16.52 1.88 -23.15
C ALA B 37 -16.99 3.00 -22.24
N LYS B 38 -16.73 2.86 -20.94
CA LYS B 38 -17.00 3.91 -19.98
C LYS B 38 -15.99 5.05 -20.09
N LEU B 39 -14.91 4.85 -20.83
CA LEU B 39 -13.93 5.89 -21.06
C LEU B 39 -14.46 6.88 -22.08
N PRO B 40 -13.81 8.04 -22.21
CA PRO B 40 -14.30 9.05 -23.16
C PRO B 40 -14.29 8.55 -24.59
N GLU B 41 -15.41 8.74 -25.27
CA GLU B 41 -15.53 8.31 -26.67
C GLU B 41 -14.51 9.03 -27.54
N GLY B 42 -13.68 8.24 -28.23
CA GLY B 42 -12.70 8.73 -29.19
C GLY B 42 -11.28 8.77 -28.68
N ARG B 43 -11.07 8.56 -27.38
CA ARG B 43 -9.73 8.67 -26.81
C ARG B 43 -8.79 7.62 -27.38
N HIS B 44 -9.17 6.35 -27.26
CA HIS B 44 -8.26 5.25 -27.60
C HIS B 44 -8.75 4.45 -28.80
N ASP B 45 -7.80 4.10 -29.67
CA ASP B 45 -8.00 3.14 -30.74
C ASP B 45 -7.87 1.70 -30.22
N GLU B 46 -8.20 0.74 -31.09
CA GLU B 46 -8.15 -0.67 -30.72
C GLU B 46 -6.73 -1.13 -30.42
N GLU B 47 -5.75 -0.60 -31.14
CA GLU B 47 -4.40 -0.99 -30.82
C GLU B 47 -4.09 -0.66 -29.36
N THR B 48 -4.52 0.53 -28.89
CA THR B 48 -4.23 0.92 -27.52
C THR B 48 -5.05 0.06 -26.55
N GLU B 49 -6.35 -0.07 -26.81
CA GLU B 49 -7.19 -0.91 -25.95
C GLU B 49 -6.64 -2.33 -25.85
N LEU B 50 -6.06 -2.83 -26.92
CA LEU B 50 -5.43 -4.13 -26.84
C LEU B 50 -4.18 -4.08 -25.99
N ASP B 51 -3.37 -3.00 -26.11
CA ASP B 51 -2.17 -2.85 -25.28
C ASP B 51 -2.50 -2.83 -23.79
N PHE B 52 -3.55 -2.10 -23.40
CA PHE B 52 -3.97 -2.08 -22.01
C PHE B 52 -4.09 -3.49 -21.49
N ILE B 53 -4.89 -4.31 -22.19
CA ILE B 53 -5.40 -5.53 -21.60
C ILE B 53 -4.54 -6.74 -21.91
N TYR B 54 -3.73 -6.68 -22.96
CA TYR B 54 -2.98 -7.86 -23.33
C TYR B 54 -2.23 -8.45 -22.14
N GLY B 55 -1.54 -7.62 -21.36
CA GLY B 55 -0.83 -8.16 -20.21
C GLY B 55 -1.72 -8.63 -19.10
N LEU B 56 -3.01 -8.28 -19.15
CA LEU B 56 -3.93 -8.73 -18.14
C LEU B 56 -4.48 -10.13 -18.41
N MET B 57 -4.38 -10.64 -19.64
CA MET B 57 -4.80 -12.03 -19.87
C MET B 57 -3.97 -12.98 -19.02
N GLN B 58 -4.43 -14.19 -18.94
CA GLN B 58 -3.78 -15.21 -18.13
C GLN B 58 -2.55 -15.69 -18.89
N PRO B 59 -1.56 -16.27 -18.19
CA PRO B 59 -0.33 -16.69 -18.88
C PRO B 59 -0.50 -17.60 -20.08
N LYS B 60 -1.42 -18.58 -20.07
CA LYS B 60 -1.51 -19.49 -21.21
C LYS B 60 -1.75 -18.74 -22.52
N TYR B 61 -2.49 -17.64 -22.48
CA TYR B 61 -2.83 -16.88 -23.68
C TYR B 61 -1.70 -15.99 -24.15
N ARG B 62 -0.91 -15.42 -23.25
CA ARG B 62 0.18 -14.54 -23.69
C ARG B 62 1.31 -15.37 -24.29
N GLU B 63 1.56 -16.56 -23.73
CA GLU B 63 2.58 -17.47 -24.29
C GLU B 63 2.18 -17.96 -25.68
N SER B 64 0.89 -18.11 -25.95
CA SER B 64 0.43 -18.75 -27.17
C SER B 64 -0.03 -17.75 -28.20
N ILE B 65 -0.22 -16.50 -27.80
CA ILE B 65 -0.70 -15.48 -28.72
C ILE B 65 0.19 -14.26 -28.60
N PRO B 66 1.28 -14.19 -29.34
CA PRO B 66 2.08 -12.97 -29.32
C PRO B 66 1.20 -11.77 -29.59
N ARG B 67 1.36 -10.74 -28.76
CA ARG B 67 0.66 -9.47 -29.02
C ARG B 67 0.88 -8.99 -30.44
N HIS B 68 2.11 -9.11 -30.96
CA HIS B 68 2.41 -8.55 -32.28
C HIS B 68 1.73 -9.28 -33.41
N GLU B 69 1.11 -10.43 -33.14
CA GLU B 69 0.41 -11.19 -34.16
C GLU B 69 -1.06 -10.82 -34.23
N VAL B 70 -1.56 -10.01 -33.29
CA VAL B 70 -2.96 -9.66 -33.20
C VAL B 70 -3.12 -8.16 -33.44
N LYS B 71 -4.12 -7.80 -34.24
CA LYS B 71 -4.43 -6.40 -34.51
C LYS B 71 -5.82 -5.98 -34.05
N THR B 72 -6.68 -6.92 -33.65
CA THR B 72 -8.07 -6.63 -33.32
C THR B 72 -8.53 -7.56 -32.21
N PHE B 73 -9.64 -7.18 -31.57
CA PHE B 73 -10.26 -8.06 -30.57
C PHE B 73 -10.80 -9.34 -31.21
N ARG B 74 -11.33 -9.25 -32.44
CA ARG B 74 -11.78 -10.45 -33.13
C ARG B 74 -10.61 -11.40 -33.33
N GLU B 75 -9.51 -10.90 -33.87
CA GLU B 75 -8.37 -11.79 -34.04
C GLU B 75 -7.94 -12.40 -32.71
N LEU B 76 -8.02 -11.62 -31.63
CA LEU B 76 -7.57 -12.11 -30.33
C LEU B 76 -8.55 -13.14 -29.76
N LEU B 77 -9.85 -12.87 -29.85
CA LEU B 77 -10.80 -13.86 -29.38
C LEU B 77 -10.65 -15.18 -30.13
N ASP B 78 -10.47 -15.12 -31.45
CA ASP B 78 -10.43 -16.35 -32.25
C ASP B 78 -9.28 -17.23 -31.79
N ARG B 79 -8.13 -16.65 -31.54
CA ARG B 79 -7.01 -17.44 -31.06
C ARG B 79 -7.22 -17.90 -29.63
N GLY B 80 -7.92 -17.11 -28.83
CA GLY B 80 -8.11 -17.49 -27.44
C GLY B 80 -9.07 -18.65 -27.32
N ARG B 81 -10.15 -18.63 -28.11
CA ARG B 81 -11.05 -19.76 -28.19
C ARG B 81 -10.29 -21.00 -28.68
N THR B 82 -9.52 -20.82 -29.75
CA THR B 82 -8.60 -21.86 -30.21
C THR B 82 -7.76 -22.43 -29.07
N VAL B 83 -7.25 -21.57 -28.21
CA VAL B 83 -6.48 -22.05 -27.08
C VAL B 83 -7.32 -22.94 -26.18
N GLU B 84 -8.55 -22.54 -25.92
CA GLU B 84 -9.42 -23.25 -24.98
C GLU B 84 -9.93 -24.57 -25.55
N ARG B 85 -10.15 -24.62 -26.86
CA ARG B 85 -10.65 -25.83 -27.51
C ARG B 85 -9.61 -26.92 -27.68
N THR B 86 -8.33 -26.69 -27.32
CA THR B 86 -7.32 -27.74 -27.46
C THR B 86 -7.00 -28.44 -26.15
N ARG B 87 -7.53 -27.94 -25.02
CA ARG B 87 -7.30 -28.55 -23.71
C ARG B 87 -8.63 -28.86 -22.99
N HIS B 88 -9.69 -29.15 -23.78
CA HIS B 88 -11.05 -29.55 -23.32
C HIS B 88 -11.98 -28.36 -22.91
N LYS C 5 2.49 -1.90 0.82
CA LYS C 5 2.70 -1.29 2.14
C LYS C 5 3.90 -1.86 2.87
N PRO C 6 4.79 -0.98 3.35
CA PRO C 6 6.00 -1.44 4.05
C PRO C 6 5.73 -1.74 5.53
N SER C 7 6.40 -2.77 6.03
CA SER C 7 6.17 -3.22 7.39
C SER C 7 6.00 -2.07 8.37
N TYR C 8 6.78 -0.99 8.22
CA TYR C 8 6.70 0.11 9.17
C TYR C 8 5.36 0.83 9.08
N GLN C 9 4.75 0.88 7.88
CA GLN C 9 3.41 1.49 7.77
C GLN C 9 2.39 0.63 8.47
N ILE C 10 2.57 -0.68 8.40
CA ILE C 10 1.64 -1.62 9.00
C ILE C 10 1.67 -1.51 10.51
N TYR C 11 2.85 -1.39 11.10
CA TYR C 11 2.92 -1.17 12.53
C TYR C 11 2.17 0.10 12.91
N MET C 12 2.29 1.15 12.10
CA MET C 12 1.52 2.35 12.38
C MET C 12 0.04 2.03 12.36
N GLU C 13 -0.40 1.20 11.41
CA GLU C 13 -1.81 0.85 11.29
C GLU C 13 -2.24 -0.01 12.47
N ILE C 14 -1.42 -0.99 12.83
CA ILE C 14 -1.72 -1.83 13.98
C ILE C 14 -2.05 -0.96 15.18
N PHE C 15 -1.14 -0.05 15.53
CA PHE C 15 -1.28 0.69 16.76
C PHE C 15 -2.11 1.95 16.65
N GLU C 16 -2.49 2.38 15.44
CA GLU C 16 -3.52 3.41 15.31
C GLU C 16 -4.91 2.84 15.39
N THR C 17 -5.03 1.51 15.37
CA THR C 17 -6.33 0.84 15.29
C THR C 17 -6.69 0.38 16.70
N LYS C 18 -7.21 1.33 17.48
CA LYS C 18 -7.65 1.01 18.83
C LYS C 18 -9.09 0.48 18.78
N GLN C 19 -9.42 -0.37 19.75
CA GLN C 19 -10.73 -0.98 19.81
C GLN C 19 -11.79 0.08 20.17
N SER C 20 -12.88 0.08 19.41
CA SER C 20 -13.88 1.12 19.57
C SER C 20 -14.67 0.87 20.84
N TYR C 21 -15.32 1.91 21.32
CA TYR C 21 -15.93 1.90 22.63
C TYR C 21 -17.14 0.95 22.74
N ASP C 22 -17.53 0.35 21.60
CA ASP C 22 -18.60 -0.65 21.49
C ASP C 22 -18.25 -1.74 20.48
N GLU C 23 -17.00 -1.81 20.00
CA GLU C 23 -16.58 -2.86 19.09
C GLU C 23 -16.35 -4.16 19.84
N VAL C 24 -16.95 -5.24 19.35
CA VAL C 24 -16.85 -6.52 20.03
C VAL C 24 -15.44 -7.07 19.87
N ILE C 25 -15.03 -7.88 20.84
CA ILE C 25 -13.69 -8.44 20.81
C ILE C 25 -13.47 -9.29 19.55
N ASP C 26 -14.47 -10.07 19.13
CA ASP C 26 -14.29 -10.95 17.97
C ASP C 26 -14.00 -10.15 16.71
N SER C 27 -14.66 -9.01 16.56
CA SER C 27 -14.40 -8.10 15.46
C SER C 27 -13.00 -7.47 15.52
N PHE C 28 -12.64 -6.91 16.66
CA PHE C 28 -11.36 -6.20 16.77
C PHE C 28 -10.19 -7.12 16.49
N ILE C 29 -10.22 -8.33 17.03
CA ILE C 29 -9.13 -9.25 16.77
C ILE C 29 -9.09 -9.64 15.30
N CYS C 30 -10.25 -9.69 14.63
CA CYS C 30 -10.28 -9.88 13.18
C CYS C 30 -9.50 -8.76 12.48
N LYS C 31 -9.87 -7.52 12.78
CA LYS C 31 -9.24 -6.38 12.16
C LYS C 31 -7.74 -6.49 12.31
N GLN C 32 -7.29 -6.69 13.57
CA GLN C 32 -5.88 -6.71 13.88
C GLN C 32 -5.16 -7.92 13.30
N ARG C 33 -5.78 -9.10 13.31
CA ARG C 33 -5.04 -10.25 12.79
C ARG C 33 -4.87 -10.16 11.29
N ALA C 34 -5.73 -9.43 10.61
CA ALA C 34 -5.53 -9.20 9.19
C ALA C 34 -4.30 -8.33 8.94
N LEU C 35 -4.10 -7.27 9.74
CA LEU C 35 -2.88 -6.46 9.64
C LEU C 35 -1.65 -7.24 10.08
N LEU C 36 -1.73 -7.90 11.26
CA LEU C 36 -0.59 -8.63 11.80
C LEU C 36 -0.04 -9.62 10.81
N ALA C 37 -0.89 -10.07 9.90
CA ALA C 37 -0.50 -11.06 8.94
C ALA C 37 0.16 -10.45 7.73
N LYS C 38 -0.02 -9.15 7.50
CA LYS C 38 0.71 -8.50 6.41
C LYS C 38 2.18 -8.32 6.75
N LEU C 39 2.53 -8.54 8.01
CA LEU C 39 3.90 -8.42 8.42
C LEU C 39 4.70 -9.59 7.89
N PRO C 40 6.02 -9.46 7.89
CA PRO C 40 6.87 -10.46 7.25
C PRO C 40 6.66 -11.82 7.88
N GLU C 41 6.51 -12.80 6.98
CA GLU C 41 6.18 -14.17 7.32
C GLU C 41 7.23 -14.71 8.28
N GLY C 42 6.79 -15.07 9.48
CA GLY C 42 7.64 -15.71 10.45
C GLY C 42 8.23 -14.78 11.49
N ARG C 43 8.03 -13.48 11.33
CA ARG C 43 8.70 -12.55 12.21
C ARG C 43 8.27 -12.73 13.66
N HIS C 44 6.97 -12.74 13.93
CA HIS C 44 6.47 -12.72 15.30
C HIS C 44 5.71 -14.00 15.64
N ASP C 45 5.95 -14.52 16.83
CA ASP C 45 5.11 -15.56 17.40
C ASP C 45 3.86 -14.95 18.04
N GLU C 46 2.94 -15.83 18.42
CA GLU C 46 1.66 -15.37 18.92
C GLU C 46 1.78 -14.58 20.21
N GLU C 47 2.79 -14.86 21.02
CA GLU C 47 2.99 -14.09 22.24
C GLU C 47 3.22 -12.62 21.92
N THR C 48 4.04 -12.35 20.90
CA THR C 48 4.36 -10.97 20.52
C THR C 48 3.13 -10.28 19.96
N GLU C 49 2.43 -10.97 19.05
CA GLU C 49 1.19 -10.46 18.48
C GLU C 49 0.15 -10.15 19.55
N LEU C 50 0.12 -10.91 20.64
CA LEU C 50 -0.78 -10.57 21.72
C LEU C 50 -0.31 -9.33 22.46
N ASP C 51 1.01 -9.21 22.67
CA ASP C 51 1.57 -8.01 23.33
C ASP C 51 1.27 -6.75 22.53
N PHE C 52 1.41 -6.85 21.20
CA PHE C 52 1.08 -5.71 20.35
C PHE C 52 -0.29 -5.16 20.66
N ILE C 53 -1.31 -6.03 20.63
CA ILE C 53 -2.70 -5.57 20.54
C ILE C 53 -3.38 -5.47 21.89
N TYR C 54 -2.86 -6.15 22.91
CA TYR C 54 -3.45 -6.14 24.24
C TYR C 54 -3.66 -4.72 24.74
N GLY C 55 -2.72 -3.82 24.48
CA GLY C 55 -2.93 -2.45 24.89
C GLY C 55 -3.91 -1.67 24.03
N LEU C 56 -4.22 -2.16 22.82
CA LEU C 56 -5.17 -1.45 22.00
C LEU C 56 -6.60 -1.78 22.37
N MET C 57 -6.80 -2.88 23.08
CA MET C 57 -8.13 -3.28 23.50
C MET C 57 -8.74 -2.23 24.40
N GLN C 58 -10.04 -2.33 24.59
CA GLN C 58 -10.80 -1.41 25.41
C GLN C 58 -10.52 -1.73 26.87
N PRO C 59 -10.63 -0.75 27.77
CA PRO C 59 -10.31 -1.04 29.17
C PRO C 59 -11.07 -2.23 29.77
N LYS C 60 -12.37 -2.38 29.47
CA LYS C 60 -13.12 -3.45 30.14
C LYS C 60 -12.47 -4.81 29.93
N TYR C 61 -11.79 -5.03 28.81
CA TYR C 61 -11.13 -6.31 28.60
C TYR C 61 -9.79 -6.40 29.32
N ARG C 62 -9.00 -5.32 29.35
CA ARG C 62 -7.71 -5.45 30.03
C ARG C 62 -7.88 -5.50 31.54
N GLU C 63 -8.83 -4.75 32.08
CA GLU C 63 -9.00 -4.79 33.52
C GLU C 63 -9.29 -6.20 33.99
N SER C 64 -9.95 -7.00 33.15
CA SER C 64 -10.53 -8.28 33.52
C SER C 64 -9.76 -9.51 33.06
N ILE C 65 -8.85 -9.37 32.11
CA ILE C 65 -8.11 -10.51 31.59
C ILE C 65 -6.61 -10.24 31.70
N PRO C 66 -5.95 -10.62 32.77
CA PRO C 66 -4.51 -10.41 32.83
C PRO C 66 -3.84 -10.97 31.59
N ARG C 67 -2.96 -10.16 30.98
CA ARG C 67 -2.18 -10.67 29.86
C ARG C 67 -1.52 -11.99 30.22
N HIS C 68 -1.00 -12.06 31.45
CA HIS C 68 -0.23 -13.26 31.78
C HIS C 68 -1.09 -14.49 31.89
N GLU C 69 -2.41 -14.35 31.93
CA GLU C 69 -3.26 -15.53 32.09
C GLU C 69 -3.74 -16.11 30.76
N VAL C 70 -3.50 -15.45 29.65
CA VAL C 70 -3.86 -15.96 28.32
C VAL C 70 -2.58 -16.20 27.53
N LYS C 71 -2.52 -17.32 26.84
CA LYS C 71 -1.37 -17.61 26.00
C LYS C 71 -1.70 -17.63 24.50
N THR C 72 -2.96 -17.49 24.11
CA THR C 72 -3.30 -17.59 22.71
C THR C 72 -4.40 -16.60 22.36
N PHE C 73 -4.50 -16.32 21.07
CA PHE C 73 -5.64 -15.55 20.59
C PHE C 73 -6.95 -16.26 20.93
N ARG C 74 -6.99 -17.59 20.87
CA ARG C 74 -8.25 -18.25 21.19
C ARG C 74 -8.63 -17.98 22.64
N GLU C 75 -7.72 -18.25 23.58
CA GLU C 75 -8.07 -18.06 24.98
C GLU C 75 -8.51 -16.63 25.21
N LEU C 76 -7.88 -15.67 24.54
CA LEU C 76 -8.22 -14.27 24.75
C LEU C 76 -9.62 -13.95 24.26
N LEU C 77 -10.00 -14.46 23.09
CA LEU C 77 -11.34 -14.28 22.58
C LEU C 77 -12.37 -14.85 23.53
N ASP C 78 -12.13 -16.06 24.03
CA ASP C 78 -13.10 -16.74 24.89
C ASP C 78 -13.34 -15.98 26.17
N ARG C 79 -12.29 -15.41 26.74
CA ARG C 79 -12.45 -14.64 27.97
C ARG C 79 -13.17 -13.33 27.73
N GLY C 80 -12.97 -12.74 26.55
CA GLY C 80 -13.60 -11.47 26.25
C GLY C 80 -15.08 -11.59 25.94
N ARG C 81 -15.47 -12.67 25.22
CA ARG C 81 -16.88 -13.00 25.03
C ARG C 81 -17.57 -13.16 26.37
N THR C 82 -16.94 -13.89 27.30
CA THR C 82 -17.44 -13.93 28.67
C THR C 82 -17.65 -12.52 29.23
N VAL C 83 -16.70 -11.60 29.00
CA VAL C 83 -16.87 -10.24 29.52
C VAL C 83 -18.13 -9.61 28.92
N GLU C 84 -18.33 -9.79 27.63
CA GLU C 84 -19.44 -9.12 26.95
C GLU C 84 -20.77 -9.64 27.44
N ARG C 85 -20.83 -10.91 27.78
CA ARG C 85 -22.04 -11.55 28.25
C ARG C 85 -22.46 -11.12 29.64
N THR C 86 -21.72 -10.27 30.33
CA THR C 86 -22.13 -9.85 31.66
C THR C 86 -22.81 -8.49 31.63
N ARG C 87 -22.96 -7.88 30.44
CA ARG C 87 -23.87 -6.73 30.22
C ARG C 87 -24.76 -6.92 28.96
N PRO D 6 6.50 -6.42 31.46
CA PRO D 6 5.11 -6.38 30.95
C PRO D 6 5.17 -5.79 29.54
N SER D 7 5.82 -6.55 28.66
CA SER D 7 6.17 -6.11 27.30
C SER D 7 5.04 -5.36 26.61
N TYR D 8 3.80 -5.74 26.86
CA TYR D 8 2.70 -5.06 26.17
C TYR D 8 2.67 -3.58 26.54
N GLN D 9 3.07 -3.22 27.76
CA GLN D 9 3.13 -1.82 28.14
C GLN D 9 4.25 -1.08 27.43
N ILE D 10 5.35 -1.77 27.16
CA ILE D 10 6.46 -1.14 26.45
C ILE D 10 6.08 -0.82 25.02
N TYR D 11 5.42 -1.76 24.34
CA TYR D 11 4.97 -1.49 22.98
C TYR D 11 4.00 -0.32 22.96
N MET D 12 3.13 -0.23 23.97
CA MET D 12 2.25 0.92 24.03
C MET D 12 3.04 2.21 24.16
N GLU D 13 4.15 2.19 24.90
CA GLU D 13 4.93 3.41 25.05
C GLU D 13 5.63 3.75 23.73
N ILE D 14 6.31 2.78 23.14
CA ILE D 14 7.02 2.94 21.88
C ILE D 14 6.19 3.71 20.86
N PHE D 15 4.95 3.34 20.68
CA PHE D 15 4.14 3.93 19.65
C PHE D 15 3.38 5.16 20.10
N GLU D 16 3.33 5.43 21.40
CA GLU D 16 2.82 6.71 21.87
C GLU D 16 3.89 7.79 21.88
N THR D 17 5.14 7.39 21.63
CA THR D 17 6.30 8.26 21.72
C THR D 17 6.71 8.64 20.31
N LYS D 18 6.04 9.66 19.79
CA LYS D 18 6.35 10.20 18.48
C LYS D 18 7.37 11.32 18.58
N GLN D 19 8.11 11.51 17.50
CA GLN D 19 9.05 12.62 17.43
C GLN D 19 8.31 13.95 17.38
N SER D 20 8.70 14.89 18.24
CA SER D 20 8.04 16.18 18.28
C SER D 20 8.50 17.02 17.10
N TYR D 21 7.81 18.13 16.85
CA TYR D 21 8.13 18.93 15.68
C TYR D 21 9.59 19.41 15.66
N ASP D 22 10.08 19.98 16.75
CA ASP D 22 11.47 20.42 16.71
C ASP D 22 12.47 19.40 17.26
N GLU D 23 12.05 18.19 17.62
CA GLU D 23 12.94 17.24 18.28
C GLU D 23 13.96 16.64 17.32
N VAL D 24 15.23 16.74 17.69
CA VAL D 24 16.28 16.21 16.83
C VAL D 24 16.22 14.67 16.85
N ILE D 25 16.75 14.09 15.78
CA ILE D 25 16.75 12.64 15.65
C ILE D 25 17.53 12.03 16.81
N ASP D 26 18.61 12.67 17.26
CA ASP D 26 19.33 12.07 18.37
C ASP D 26 18.44 11.94 19.59
N SER D 27 17.61 12.94 19.85
CA SER D 27 16.75 12.89 21.03
C SER D 27 15.76 11.73 20.95
N PHE D 28 15.05 11.61 19.82
CA PHE D 28 14.00 10.62 19.62
C PHE D 28 14.54 9.19 19.68
N ILE D 29 15.63 8.94 18.96
CA ILE D 29 16.25 7.62 18.95
C ILE D 29 16.81 7.25 20.32
N CYS D 30 17.21 8.23 21.12
CA CYS D 30 17.60 7.90 22.50
C CYS D 30 16.44 7.22 23.21
N LYS D 31 15.30 7.90 23.24
CA LYS D 31 14.14 7.36 23.95
C LYS D 31 13.75 5.99 23.41
N GLN D 32 13.59 5.88 22.09
CA GLN D 32 13.06 4.63 21.59
C GLN D 32 14.03 3.50 21.84
N ARG D 33 15.34 3.76 21.73
CA ARG D 33 16.29 2.69 21.96
C ARG D 33 16.22 2.25 23.42
N ALA D 34 15.80 3.18 24.29
CA ALA D 34 15.69 2.87 25.71
C ALA D 34 14.59 1.87 25.97
N LEU D 35 13.41 2.12 25.37
CA LEU D 35 12.26 1.22 25.48
C LEU D 35 12.52 -0.11 24.76
N LEU D 36 13.03 -0.05 23.53
CA LEU D 36 13.26 -1.30 22.81
C LEU D 36 14.11 -2.26 23.61
N ALA D 37 14.92 -1.74 24.51
CA ALA D 37 15.85 -2.54 25.27
C ALA D 37 15.20 -3.12 26.52
N LYS D 38 14.10 -2.53 26.96
CA LYS D 38 13.28 -3.12 28.01
C LYS D 38 12.46 -4.29 27.51
N LEU D 39 12.34 -4.46 26.20
CA LEU D 39 11.62 -5.60 25.66
C LEU D 39 12.46 -6.84 25.75
N PRO D 40 11.84 -8.00 25.58
CA PRO D 40 12.56 -9.25 25.77
C PRO D 40 13.83 -9.34 24.97
N GLU D 41 14.88 -9.73 25.69
CA GLU D 41 16.23 -9.83 25.19
C GLU D 41 16.21 -10.86 24.08
N GLY D 42 16.45 -10.44 22.84
CA GLY D 42 16.52 -11.36 21.72
C GLY D 42 15.28 -11.47 20.87
N ARG D 43 14.17 -10.85 21.29
CA ARG D 43 12.92 -10.98 20.57
C ARG D 43 13.00 -10.44 19.14
N HIS D 44 13.50 -9.21 18.97
CA HIS D 44 13.47 -8.50 17.71
C HIS D 44 14.86 -8.25 17.09
N ASP D 45 14.88 -8.29 15.75
CA ASP D 45 15.98 -7.87 14.89
C ASP D 45 16.19 -6.35 14.98
N GLU D 46 17.35 -5.87 14.50
CA GLU D 46 17.47 -4.42 14.36
C GLU D 46 16.60 -3.92 13.20
N GLU D 47 16.47 -4.72 12.15
CA GLU D 47 15.54 -4.38 11.09
C GLU D 47 14.14 -4.19 11.65
N THR D 48 13.73 -5.07 12.56
CA THR D 48 12.38 -4.99 13.13
C THR D 48 12.25 -3.74 14.00
N GLU D 49 13.20 -3.53 14.91
CA GLU D 49 13.18 -2.33 15.74
C GLU D 49 13.12 -1.06 14.92
N LEU D 50 13.75 -1.04 13.74
CA LEU D 50 13.65 0.13 12.88
C LEU D 50 12.25 0.25 12.29
N ASP D 51 11.67 -0.89 11.84
CA ASP D 51 10.30 -0.89 11.33
C ASP D 51 9.31 -0.35 12.39
N PHE D 52 9.50 -0.74 13.66
CA PHE D 52 8.60 -0.24 14.70
C PHE D 52 8.49 1.26 14.61
N ILE D 53 9.64 1.94 14.73
CA ILE D 53 9.67 3.37 15.05
C ILE D 53 9.73 4.24 13.82
N TYR D 54 10.11 3.68 12.67
CA TYR D 54 10.31 4.51 11.48
C TYR D 54 9.15 5.44 11.20
N GLY D 55 7.91 4.94 11.32
CA GLY D 55 6.75 5.80 11.09
C GLY D 55 6.48 6.79 12.19
N LEU D 56 7.13 6.65 13.33
CA LEU D 56 6.97 7.59 14.42
C LEU D 56 7.83 8.85 14.21
N MET D 57 8.86 8.77 13.36
CA MET D 57 9.68 9.92 13.04
C MET D 57 8.84 10.99 12.39
N GLN D 58 9.38 12.19 12.34
CA GLN D 58 8.65 13.30 11.77
C GLN D 58 8.65 13.08 10.25
N PRO D 59 7.65 13.57 9.54
CA PRO D 59 7.56 13.23 8.11
C PRO D 59 8.81 13.47 7.28
N LYS D 60 9.50 14.61 7.43
CA LYS D 60 10.64 14.91 6.56
C LYS D 60 11.75 13.86 6.67
N TYR D 61 11.91 13.21 7.81
CA TYR D 61 12.97 12.21 7.90
C TYR D 61 12.60 10.99 7.11
N ARG D 62 11.30 10.69 7.09
CA ARG D 62 10.75 9.60 6.30
C ARG D 62 10.79 9.94 4.82
N GLU D 63 10.54 11.21 4.47
CA GLU D 63 10.63 11.57 3.05
C GLU D 63 12.07 11.57 2.56
N SER D 64 13.05 11.96 3.39
CA SER D 64 14.41 12.12 2.87
C SER D 64 15.24 10.87 3.09
N ILE D 65 14.79 9.95 3.93
CA ILE D 65 15.55 8.74 4.21
C ILE D 65 14.62 7.56 3.98
N PRO D 66 14.40 7.12 2.75
CA PRO D 66 13.56 5.94 2.55
C PRO D 66 14.04 4.80 3.41
N ARG D 67 13.11 4.12 4.07
CA ARG D 67 13.49 3.02 4.94
C ARG D 67 14.55 2.08 4.35
N HIS D 68 14.43 1.69 3.08
CA HIS D 68 15.34 0.65 2.60
C HIS D 68 16.77 1.14 2.53
N GLU D 69 17.02 2.43 2.72
CA GLU D 69 18.35 2.97 2.50
C GLU D 69 19.23 2.87 3.74
N VAL D 70 18.66 2.59 4.91
CA VAL D 70 19.40 2.42 6.15
C VAL D 70 19.14 1.02 6.69
N LYS D 71 20.18 0.42 7.29
CA LYS D 71 20.07 -0.91 7.88
C LYS D 71 20.18 -0.89 9.39
N THR D 72 20.55 0.25 10.01
CA THR D 72 20.82 0.29 11.44
C THR D 72 20.45 1.65 12.00
N PHE D 73 20.34 1.70 13.32
CA PHE D 73 20.16 2.99 13.97
C PHE D 73 21.34 3.92 13.74
N ARG D 74 22.57 3.38 13.69
CA ARG D 74 23.73 4.22 13.41
C ARG D 74 23.61 4.83 12.03
N GLU D 75 23.30 4.00 11.04
CA GLU D 75 23.11 4.52 9.68
C GLU D 75 22.00 5.57 9.67
N LEU D 76 20.94 5.35 10.46
CA LEU D 76 19.85 6.30 10.48
C LEU D 76 20.23 7.60 11.17
N LEU D 77 20.94 7.55 12.30
CA LEU D 77 21.33 8.80 12.94
C LEU D 77 22.16 9.66 12.01
N ASP D 78 23.12 9.04 11.28
CA ASP D 78 23.95 9.85 10.39
C ASP D 78 23.10 10.54 9.34
N ARG D 79 22.14 9.83 8.75
CA ARG D 79 21.30 10.50 7.75
C ARG D 79 20.39 11.53 8.39
N GLY D 80 19.96 11.30 9.62
CA GLY D 80 19.07 12.24 10.26
C GLY D 80 19.78 13.54 10.62
N ARG D 81 21.03 13.43 11.10
CA ARG D 81 21.85 14.61 11.31
C ARG D 81 22.08 15.38 10.00
N THR D 82 22.43 14.66 8.93
CA THR D 82 22.55 15.30 7.63
C THR D 82 21.29 16.13 7.31
N VAL D 83 20.13 15.54 7.53
CA VAL D 83 18.89 16.24 7.22
C VAL D 83 18.74 17.50 8.07
N GLU D 84 19.11 17.40 9.34
CA GLU D 84 18.83 18.49 10.28
C GLU D 84 19.67 19.73 10.01
N ARG D 85 20.87 19.57 9.46
CA ARG D 85 21.72 20.70 9.10
C ARG D 85 21.21 21.45 7.88
N THR D 86 19.94 21.24 7.53
CA THR D 86 19.28 21.89 6.41
C THR D 86 17.88 22.31 6.88
#